data_5XCO
#
_entry.id   5XCO
#
_cell.length_a   51.529
_cell.length_b   51.529
_cell.length_c   129.741
_cell.angle_alpha   90.00
_cell.angle_beta   90.00
_cell.angle_gamma   120.00
#
_symmetry.space_group_name_H-M   'P 31 2 1'
#
loop_
_entity.id
_entity.type
_entity.pdbx_description
1 polymer 'GTPase KRas'
2 polymer ACE-ARG-ARG-ARG-ARG-CYS-PRO-LEU-TYR-ILE-SER-TYR-ASP-PRO-VAL-CYS-ARG-ARG-ARG-ARG-NH2
3 non-polymer "GUANOSINE-5'-DIPHOSPHATE"
4 non-polymer 1,2-ETHANEDIOL
5 water water
#
loop_
_entity_poly.entity_id
_entity_poly.type
_entity_poly.pdbx_seq_one_letter_code
_entity_poly.pdbx_strand_id
1 'polypeptide(L)'
;GSMTEYKLVVVGADGVGKSALTIQLIQNHFVDEYDPTIEDSYRKQVVIDGETCLLDILDTAGQEEYSAMRDQYMRTGEGF
LCVFAINNTKSFEDIHHYREQIKRVKDSEDVPMVLVGNKCDLPSRTVDTKQAQDLARSYGIPFIETSAKTRQGVDDAFYT
LVREIRKHKEK
;
A
2 'polypeptide(L)' (ACE)RRRRCPLYISYDPVCRRRR(NH2) B
#
loop_
_chem_comp.id
_chem_comp.type
_chem_comp.name
_chem_comp.formula
ACE non-polymer 'ACETYL GROUP' 'C2 H4 O'
EDO non-polymer 1,2-ETHANEDIOL 'C2 H6 O2'
GDP RNA linking GUANOSINE-5'-DIPHOSPHATE 'C10 H15 N5 O11 P2'
NH2 non-polymer 'AMINO GROUP' 'H2 N'
#
# COMPACT_ATOMS: atom_id res chain seq x y z
N SER A 2 -2.68 25.34 7.96
CA SER A 2 -3.92 24.57 7.65
C SER A 2 -3.60 23.09 7.35
N MET A 3 -4.66 22.31 7.20
CA MET A 3 -4.55 20.87 6.98
CA MET A 3 -4.58 20.87 6.98
C MET A 3 -4.19 20.56 5.53
N THR A 4 -3.38 19.53 5.33
CA THR A 4 -3.07 19.05 3.98
C THR A 4 -3.56 17.61 3.87
N GLU A 5 -4.28 17.31 2.80
CA GLU A 5 -4.82 15.97 2.60
C GLU A 5 -3.89 15.14 1.72
N TYR A 6 -3.69 13.89 2.11
CA TYR A 6 -2.88 12.90 1.34
C TYR A 6 -3.73 11.67 1.12
N LYS A 7 -3.99 11.35 -0.16
CA LYS A 7 -4.78 10.18 -0.52
C LYS A 7 -3.85 8.99 -0.79
N LEU A 8 -3.97 7.97 0.06
CA LEU A 8 -3.08 6.82 0.05
C LEU A 8 -3.87 5.57 -0.25
N VAL A 9 -3.21 4.63 -0.95
CA VAL A 9 -3.87 3.36 -1.29
C VAL A 9 -2.93 2.21 -0.89
N VAL A 10 -3.48 1.24 -0.17
CA VAL A 10 -2.70 0.08 0.28
C VAL A 10 -3.10 -1.13 -0.56
N VAL A 11 -2.13 -1.71 -1.28
CA VAL A 11 -2.36 -2.81 -2.21
C VAL A 11 -1.44 -3.96 -1.91
N GLY A 12 -1.80 -5.14 -2.39
CA GLY A 12 -1.01 -6.35 -2.18
C GLY A 12 -1.89 -7.56 -2.09
N ALA A 13 -1.28 -8.75 -2.11
CA ALA A 13 -2.05 -9.99 -2.13
C ALA A 13 -2.95 -10.12 -0.92
N ASP A 14 -4.01 -10.89 -1.06
CA ASP A 14 -4.86 -11.23 0.06
C ASP A 14 -4.05 -11.85 1.19
N GLY A 15 -4.32 -11.43 2.42
CA GLY A 15 -3.73 -12.06 3.59
C GLY A 15 -2.36 -11.54 4.00
N VAL A 16 -1.83 -10.53 3.31
CA VAL A 16 -0.50 -10.03 3.69
C VAL A 16 -0.54 -9.13 4.92
N GLY A 17 -1.73 -8.67 5.32
CA GLY A 17 -1.89 -7.76 6.46
C GLY A 17 -2.18 -6.32 6.11
N LYS A 18 -2.82 -6.05 4.99
CA LYS A 18 -3.16 -4.67 4.64
C LYS A 18 -4.19 -4.10 5.62
N SER A 19 -5.21 -4.85 6.00
CA SER A 19 -6.15 -4.33 6.95
C SER A 19 -5.48 -4.16 8.29
N ALA A 20 -4.61 -5.12 8.66
CA ALA A 20 -3.95 -5.05 9.95
C ALA A 20 -3.03 -3.83 10.03
N LEU A 21 -2.31 -3.54 8.98
CA LEU A 21 -1.47 -2.36 8.97
C LEU A 21 -2.28 -1.08 9.07
N THR A 22 -3.36 -1.00 8.31
CA THR A 22 -4.18 0.20 8.28
C THR A 22 -4.82 0.43 9.66
N ILE A 23 -5.36 -0.62 10.22
CA ILE A 23 -6.03 -0.54 11.51
C ILE A 23 -5.07 -0.30 12.65
N GLN A 24 -3.85 -0.86 12.56
CA GLN A 24 -2.83 -0.51 13.49
C GLN A 24 -2.54 0.98 13.48
N LEU A 25 -2.33 1.52 12.30
CA LEU A 25 -2.01 2.93 12.17
C LEU A 25 -3.15 3.80 12.74
N ILE A 26 -4.37 3.50 12.36
CA ILE A 26 -5.52 4.37 12.62
C ILE A 26 -6.10 4.14 14.01
N GLN A 27 -6.22 2.90 14.44
CA GLN A 27 -6.94 2.49 15.66
C GLN A 27 -6.09 1.89 16.73
N ASN A 28 -4.79 1.69 16.42
CA ASN A 28 -3.81 1.29 17.39
CA ASN A 28 -3.82 1.31 17.40
C ASN A 28 -4.14 -0.06 18.04
N HIS A 29 -4.77 -0.96 17.26
CA HIS A 29 -4.76 -2.35 17.82
C HIS A 29 -4.55 -3.33 16.68
N PHE A 30 -4.26 -4.58 17.05
CA PHE A 30 -3.91 -5.62 16.08
C PHE A 30 -5.06 -6.53 15.75
N VAL A 31 -5.41 -6.60 14.48
CA VAL A 31 -6.54 -7.47 14.12
C VAL A 31 -6.07 -8.82 13.61
N ASP A 32 -6.79 -9.82 14.08
CA ASP A 32 -6.58 -11.19 13.69
C ASP A 32 -7.92 -11.86 13.58
N GLU A 33 -8.48 -11.75 12.39
CA GLU A 33 -9.85 -12.17 12.12
C GLU A 33 -9.86 -13.37 11.19
N TYR A 34 -10.78 -14.29 11.46
CA TYR A 34 -10.99 -15.41 10.58
C TYR A 34 -11.56 -14.92 9.26
N ASP A 35 -12.51 -14.00 9.34
CA ASP A 35 -13.17 -13.49 8.13
C ASP A 35 -12.25 -12.62 7.29
N PRO A 36 -12.29 -12.77 5.96
CA PRO A 36 -11.51 -11.92 5.07
C PRO A 36 -11.95 -10.45 5.14
N THR A 37 -10.99 -9.57 4.89
CA THR A 37 -11.22 -8.14 4.89
C THR A 37 -12.26 -7.72 3.86
N ILE A 38 -13.15 -6.83 4.28
CA ILE A 38 -14.01 -6.08 3.36
C ILE A 38 -13.35 -4.72 3.16
N GLU A 39 -13.21 -4.35 1.89
CA GLU A 39 -12.55 -3.12 1.54
C GLU A 39 -13.19 -1.92 2.22
N ASP A 40 -12.37 -1.02 2.73
CA ASP A 40 -12.89 0.22 3.30
C ASP A 40 -11.82 1.24 3.33
N SER A 41 -12.24 2.48 3.54
CA SER A 41 -11.34 3.59 3.68
C SER A 41 -11.42 4.17 5.07
N TYR A 42 -10.32 4.80 5.48
CA TYR A 42 -10.11 5.29 6.84
C TYR A 42 -9.41 6.61 6.78
N ARG A 43 -9.74 7.49 7.71
CA ARG A 43 -9.09 8.78 7.84
C ARG A 43 -8.37 8.89 9.16
N LYS A 44 -7.20 9.53 9.09
CA LYS A 44 -6.39 9.82 10.24
C LYS A 44 -5.90 11.26 10.14
N GLN A 45 -6.01 11.99 11.25
CA GLN A 45 -5.38 13.31 11.38
CA GLN A 45 -5.41 13.30 11.38
C GLN A 45 -4.11 13.13 12.18
N VAL A 46 -3.01 13.66 11.66
CA VAL A 46 -1.72 13.47 12.33
C VAL A 46 -0.74 14.53 11.87
N VAL A 47 0.10 14.98 12.80
CA VAL A 47 1.15 15.93 12.46
C VAL A 47 2.38 15.15 11.98
N ILE A 48 2.84 15.46 10.77
CA ILE A 48 4.01 14.79 10.15
C ILE A 48 4.92 15.93 9.72
N ASP A 49 6.08 15.99 10.39
CA ASP A 49 7.09 17.02 10.12
C ASP A 49 6.53 18.42 10.27
N GLY A 50 5.69 18.60 11.30
CA GLY A 50 5.12 19.91 11.61
C GLY A 50 3.88 20.28 10.84
N GLU A 51 3.51 19.47 9.84
CA GLU A 51 2.33 19.72 9.02
CA GLU A 51 2.33 19.71 9.00
C GLU A 51 1.17 18.89 9.54
N THR A 52 0.02 19.53 9.73
CA THR A 52 -1.20 18.80 10.07
C THR A 52 -1.73 18.13 8.80
N CYS A 53 -1.69 16.81 8.81
CA CYS A 53 -2.07 15.99 7.66
C CYS A 53 -3.38 15.28 7.92
N LEU A 54 -4.18 15.19 6.87
CA LEU A 54 -5.34 14.33 6.84
C LEU A 54 -4.99 13.20 5.89
N LEU A 55 -4.81 12.03 6.43
CA LEU A 55 -4.53 10.84 5.59
C LEU A 55 -5.86 10.17 5.28
N ASP A 56 -6.15 10.03 3.99
CA ASP A 56 -7.34 9.36 3.51
CA ASP A 56 -7.36 9.36 3.47
C ASP A 56 -6.85 8.09 2.84
N ILE A 57 -7.06 6.96 3.51
CA ILE A 57 -6.39 5.70 3.14
C ILE A 57 -7.40 4.65 2.72
N LEU A 58 -7.22 4.11 1.52
CA LEU A 58 -8.02 2.98 1.08
C LEU A 58 -7.29 1.69 1.35
N ASP A 59 -7.90 0.84 2.16
CA ASP A 59 -7.44 -0.51 2.43
C ASP A 59 -8.13 -1.41 1.41
N THR A 60 -7.44 -1.72 0.32
CA THR A 60 -8.05 -2.52 -0.74
C THR A 60 -8.28 -3.94 -0.30
N ALA A 61 -9.35 -4.52 -0.82
CA ALA A 61 -9.74 -5.91 -0.55
C ALA A 61 -10.84 -6.27 -1.52
N GLY A 62 -11.18 -7.56 -1.61
CA GLY A 62 -12.22 -8.00 -2.59
C GLY A 62 -11.74 -7.68 -3.98
N GLN A 63 -10.58 -8.22 -4.31
CA GLN A 63 -9.78 -7.69 -5.41
C GLN A 63 -10.25 -8.05 -6.78
N GLU A 64 -11.18 -9.00 -6.86
CA GLU A 64 -11.78 -9.42 -8.14
C GLU A 64 -13.06 -8.67 -8.47
N GLU A 65 -13.59 -7.90 -7.53
CA GLU A 65 -14.90 -7.30 -7.71
C GLU A 65 -14.86 -5.85 -8.07
N TYR A 66 -15.94 -5.39 -8.70
CA TYR A 66 -16.11 -3.98 -8.97
C TYR A 66 -16.26 -3.19 -7.67
N SER A 67 -15.57 -2.05 -7.63
CA SER A 67 -15.65 -1.14 -6.49
C SER A 67 -15.56 0.29 -7.01
N ALA A 68 -16.69 1.02 -6.92
CA ALA A 68 -16.71 2.42 -7.32
C ALA A 68 -15.72 3.26 -6.50
N MET A 69 -15.64 2.97 -5.21
CA MET A 69 -14.75 3.70 -4.33
C MET A 69 -13.30 3.44 -4.72
N ARG A 70 -12.96 2.19 -5.01
CA ARG A 70 -11.62 1.86 -5.43
C ARG A 70 -11.25 2.55 -6.72
N ASP A 71 -12.17 2.56 -7.69
CA ASP A 71 -11.89 3.29 -8.94
C ASP A 71 -11.56 4.76 -8.68
N GLN A 72 -12.30 5.39 -7.78
CA GLN A 72 -12.04 6.79 -7.47
C GLN A 72 -10.70 7.01 -6.78
N TYR A 73 -10.33 6.11 -5.85
CA TYR A 73 -9.02 6.20 -5.20
C TYR A 73 -7.89 5.92 -6.18
N MET A 74 -8.11 5.07 -7.19
CA MET A 74 -7.06 4.88 -8.19
C MET A 74 -6.89 6.15 -9.04
N ARG A 75 -7.98 6.83 -9.33
CA ARG A 75 -7.94 8.07 -10.10
C ARG A 75 -7.21 9.16 -9.33
N THR A 76 -7.59 9.35 -8.06
CA THR A 76 -7.15 10.49 -7.26
C THR A 76 -6.01 10.17 -6.28
N GLY A 77 -5.68 8.89 -6.09
CA GLY A 77 -4.68 8.50 -5.11
C GLY A 77 -3.33 9.04 -5.46
N GLU A 78 -2.62 9.48 -4.43
CA GLU A 78 -1.33 10.14 -4.61
C GLU A 78 -0.14 9.26 -4.30
N GLY A 79 -0.33 8.22 -3.53
CA GLY A 79 0.75 7.31 -3.25
C GLY A 79 0.22 5.96 -2.86
N PHE A 80 1.09 4.96 -3.03
CA PHE A 80 0.73 3.55 -2.84
C PHE A 80 1.66 2.84 -1.91
N LEU A 81 1.12 2.07 -0.98
CA LEU A 81 1.90 1.07 -0.23
C LEU A 81 1.69 -0.26 -0.92
N CYS A 82 2.78 -0.89 -1.38
CA CYS A 82 2.73 -2.19 -2.02
C CYS A 82 3.24 -3.20 -1.03
N VAL A 83 2.34 -4.01 -0.49
CA VAL A 83 2.63 -4.83 0.68
C VAL A 83 2.75 -6.30 0.30
N PHE A 84 3.79 -6.96 0.79
CA PHE A 84 3.90 -8.43 0.78
C PHE A 84 4.13 -8.89 2.20
N ALA A 85 4.06 -10.19 2.43
CA ALA A 85 4.36 -10.77 3.72
C ALA A 85 5.70 -11.49 3.66
N ILE A 86 6.57 -11.24 4.64
CA ILE A 86 7.93 -11.80 4.58
C ILE A 86 8.01 -13.32 4.68
N ASN A 87 6.93 -13.97 5.10
CA ASN A 87 6.84 -15.45 5.16
C ASN A 87 6.07 -16.02 3.97
N ASN A 88 5.80 -15.25 2.92
CA ASN A 88 5.01 -15.73 1.80
C ASN A 88 5.63 -15.28 0.49
N THR A 89 6.41 -16.18 -0.10
CA THR A 89 7.15 -15.83 -1.31
C THR A 89 6.24 -15.44 -2.49
N LYS A 90 5.10 -16.11 -2.61
CA LYS A 90 4.18 -15.77 -3.68
C LYS A 90 3.71 -14.29 -3.55
N SER A 91 3.43 -13.81 -2.34
CA SER A 91 2.99 -12.42 -2.17
C SER A 91 4.07 -11.46 -2.62
N PHE A 92 5.33 -11.83 -2.41
CA PHE A 92 6.44 -11.02 -2.91
C PHE A 92 6.54 -11.04 -4.44
N GLU A 93 6.41 -12.25 -4.99
CA GLU A 93 6.39 -12.41 -6.46
C GLU A 93 5.23 -11.64 -7.12
N ASP A 94 4.12 -11.47 -6.41
CA ASP A 94 2.98 -10.72 -6.93
C ASP A 94 3.20 -9.21 -7.02
N ILE A 95 4.18 -8.68 -6.28
CA ILE A 95 4.39 -7.25 -6.22
C ILE A 95 4.56 -6.61 -7.59
N HIS A 96 5.30 -7.28 -8.49
CA HIS A 96 5.55 -6.69 -9.78
C HIS A 96 4.27 -6.42 -10.54
N HIS A 97 3.32 -7.32 -10.43
CA HIS A 97 2.04 -7.12 -11.13
C HIS A 97 1.26 -5.94 -10.58
N TYR A 98 1.26 -5.76 -9.25
CA TYR A 98 0.65 -4.57 -8.64
C TYR A 98 1.35 -3.31 -9.13
N ARG A 99 2.68 -3.29 -9.10
CA ARG A 99 3.41 -2.10 -9.51
C ARG A 99 3.14 -1.77 -10.97
N GLU A 100 3.17 -2.77 -11.83
CA GLU A 100 2.88 -2.55 -13.25
C GLU A 100 1.45 -2.06 -13.50
N GLN A 101 0.50 -2.56 -12.71
CA GLN A 101 -0.85 -2.07 -12.82
C GLN A 101 -0.96 -0.61 -12.42
N ILE A 102 -0.30 -0.22 -11.34
CA ILE A 102 -0.30 1.19 -10.91
C ILE A 102 0.32 2.07 -11.99
N LYS A 103 1.42 1.62 -12.55
CA LYS A 103 2.14 2.35 -13.62
CA LYS A 103 2.11 2.37 -13.59
CA LYS A 103 2.11 2.38 -13.58
C LYS A 103 1.20 2.55 -14.81
N ARG A 104 0.51 1.50 -15.20
CA ARG A 104 -0.42 1.52 -16.33
C ARG A 104 -1.60 2.47 -16.08
N VAL A 105 -2.25 2.35 -14.93
CA VAL A 105 -3.47 3.12 -14.67
C VAL A 105 -3.15 4.59 -14.41
N LYS A 106 -2.02 4.89 -13.80
CA LYS A 106 -1.54 6.28 -13.65
C LYS A 106 -0.85 6.82 -14.89
N ASP A 107 -0.49 5.94 -15.82
CA ASP A 107 0.30 6.28 -17.00
C ASP A 107 1.57 7.06 -16.62
N SER A 108 2.34 6.50 -15.70
CA SER A 108 3.53 7.17 -15.17
C SER A 108 4.46 6.18 -14.48
N GLU A 109 5.76 6.42 -14.64
CA GLU A 109 6.81 5.66 -13.96
C GLU A 109 7.27 6.28 -12.68
N ASP A 110 6.67 7.40 -12.30
CA ASP A 110 7.15 8.04 -11.08
C ASP A 110 6.09 8.30 -10.03
N VAL A 111 5.27 7.30 -9.82
CA VAL A 111 4.21 7.34 -8.85
C VAL A 111 4.81 7.13 -7.47
N PRO A 112 4.49 7.99 -6.48
CA PRO A 112 5.00 7.74 -5.14
C PRO A 112 4.55 6.38 -4.62
N MET A 113 5.53 5.61 -4.12
CA MET A 113 5.28 4.23 -3.70
CA MET A 113 5.28 4.26 -3.69
C MET A 113 6.31 3.82 -2.65
N VAL A 114 5.90 2.97 -1.73
CA VAL A 114 6.81 2.32 -0.78
C VAL A 114 6.55 0.83 -0.83
N LEU A 115 7.61 0.03 -0.90
CA LEU A 115 7.52 -1.41 -0.79
C LEU A 115 7.53 -1.79 0.67
N VAL A 116 6.54 -2.56 1.12
CA VAL A 116 6.41 -2.92 2.51
C VAL A 116 6.47 -4.41 2.67
N GLY A 117 7.42 -4.90 3.47
CA GLY A 117 7.46 -6.32 3.85
C GLY A 117 6.87 -6.48 5.25
N ASN A 118 5.63 -6.93 5.34
CA ASN A 118 4.91 -7.06 6.59
C ASN A 118 5.11 -8.44 7.25
N LYS A 119 4.68 -8.52 8.49
CA LYS A 119 4.81 -9.71 9.36
C LYS A 119 6.25 -9.96 9.76
N CYS A 120 7.03 -8.89 9.96
CA CYS A 120 8.46 -9.05 10.29
C CYS A 120 8.70 -9.58 11.69
N ASP A 121 7.67 -9.68 12.51
CA ASP A 121 7.76 -10.35 13.83
C ASP A 121 7.89 -11.87 13.70
N LEU A 122 7.52 -12.43 12.55
CA LEU A 122 7.47 -13.89 12.43
C LEU A 122 8.84 -14.54 12.32
N PRO A 123 8.98 -15.79 12.82
CA PRO A 123 10.24 -16.55 12.74
C PRO A 123 10.40 -17.32 11.43
N SER A 124 9.46 -17.19 10.51
CA SER A 124 9.34 -18.03 9.33
C SER A 124 9.61 -17.27 8.02
N ARG A 125 10.56 -16.35 8.06
CA ARG A 125 10.93 -15.58 6.88
C ARG A 125 11.31 -16.45 5.69
N THR A 126 10.74 -16.18 4.52
CA THR A 126 11.18 -16.77 3.26
C THR A 126 11.67 -15.73 2.25
N VAL A 127 11.45 -14.44 2.50
CA VAL A 127 11.95 -13.38 1.62
C VAL A 127 13.06 -12.62 2.34
N ASP A 128 14.28 -12.72 1.80
CA ASP A 128 15.42 -12.04 2.39
C ASP A 128 15.32 -10.54 2.20
N THR A 129 15.73 -9.79 3.21
CA THR A 129 15.73 -8.33 3.11
C THR A 129 16.51 -7.85 1.86
N LYS A 130 17.60 -8.53 1.50
CA LYS A 130 18.35 -8.14 0.30
C LYS A 130 17.61 -8.28 -1.02
N GLN A 131 16.77 -9.31 -1.13
CA GLN A 131 15.92 -9.49 -2.30
CA GLN A 131 15.95 -9.45 -2.34
C GLN A 131 14.91 -8.34 -2.42
N ALA A 132 14.30 -8.00 -1.30
CA ALA A 132 13.34 -6.90 -1.25
C ALA A 132 14.03 -5.58 -1.53
N GLN A 133 15.21 -5.35 -0.94
CA GLN A 133 15.95 -4.12 -1.21
C GLN A 133 16.31 -4.00 -2.68
N ASP A 134 16.73 -5.10 -3.28
CA ASP A 134 17.06 -5.09 -4.71
C ASP A 134 15.85 -4.76 -5.59
N LEU A 135 14.70 -5.37 -5.28
CA LEU A 135 13.49 -5.04 -6.02
C LEU A 135 13.14 -3.55 -5.90
N ALA A 136 13.16 -3.04 -4.67
CA ALA A 136 12.83 -1.64 -4.44
C ALA A 136 13.82 -0.73 -5.14
N ARG A 137 15.10 -1.07 -5.07
CA ARG A 137 16.11 -0.28 -5.79
C ARG A 137 15.84 -0.26 -7.31
N SER A 138 15.42 -1.40 -7.86
CA SER A 138 15.12 -1.46 -9.31
C SER A 138 13.93 -0.56 -9.68
N TYR A 139 13.02 -0.36 -8.73
CA TYR A 139 11.88 0.54 -8.92
C TYR A 139 12.16 1.99 -8.54
N GLY A 140 13.28 2.24 -7.87
CA GLY A 140 13.60 3.56 -7.35
C GLY A 140 12.77 4.00 -6.18
N ILE A 141 12.37 3.05 -5.32
CA ILE A 141 11.49 3.35 -4.17
C ILE A 141 12.06 2.81 -2.88
N PRO A 142 11.62 3.34 -1.73
CA PRO A 142 12.04 2.78 -0.46
C PRO A 142 11.44 1.42 -0.17
N PHE A 143 12.15 0.63 0.62
CA PHE A 143 11.66 -0.62 1.20
C PHE A 143 11.69 -0.52 2.72
N ILE A 144 10.59 -0.89 3.37
CA ILE A 144 10.45 -0.85 4.80
C ILE A 144 9.79 -2.16 5.26
N GLU A 145 10.31 -2.73 6.33
CA GLU A 145 9.67 -3.86 7.00
C GLU A 145 8.77 -3.40 8.14
N THR A 146 7.64 -4.09 8.30
CA THR A 146 6.67 -3.72 9.29
C THR A 146 6.15 -4.96 10.01
N SER A 147 5.62 -4.74 11.19
CA SER A 147 4.76 -5.71 11.86
C SER A 147 3.54 -4.99 12.35
N ALA A 148 2.39 -5.31 11.78
CA ALA A 148 1.13 -4.81 12.32
C ALA A 148 0.87 -5.36 13.72
N LYS A 149 1.48 -6.50 14.06
CA LYS A 149 1.29 -7.13 15.35
C LYS A 149 2.01 -6.39 16.44
N THR A 150 3.27 -6.03 16.24
CA THR A 150 4.04 -5.33 17.28
C THR A 150 4.08 -3.80 17.11
N ARG A 151 3.57 -3.31 15.98
CA ARG A 151 3.61 -1.89 15.53
CA ARG A 151 3.65 -1.88 15.56
C ARG A 151 4.97 -1.47 14.94
N GLN A 152 5.96 -2.36 14.95
CA GLN A 152 7.24 -2.00 14.37
C GLN A 152 7.09 -1.52 12.93
N GLY A 153 7.65 -0.36 12.63
CA GLY A 153 7.68 0.17 11.28
C GLY A 153 6.38 0.71 10.70
N VAL A 154 5.27 0.60 11.42
CA VAL A 154 3.96 0.94 10.83
C VAL A 154 3.86 2.44 10.51
N ASP A 155 4.13 3.29 11.50
CA ASP A 155 4.10 4.72 11.28
C ASP A 155 5.12 5.07 10.23
N ASP A 156 6.32 4.48 10.30
CA ASP A 156 7.39 4.75 9.36
CA ASP A 156 7.36 4.84 9.36
C ASP A 156 6.98 4.49 7.92
N ALA A 157 6.33 3.36 7.67
CA ALA A 157 5.87 3.06 6.34
C ALA A 157 4.92 4.14 5.77
N PHE A 158 3.90 4.50 6.54
CA PHE A 158 2.94 5.49 6.03
C PHE A 158 3.57 6.89 5.96
N TYR A 159 4.38 7.26 6.94
CA TYR A 159 4.99 8.60 6.93
C TYR A 159 6.02 8.72 5.81
N THR A 160 6.75 7.64 5.54
CA THR A 160 7.65 7.63 4.42
C THR A 160 6.89 7.86 3.11
N LEU A 161 5.73 7.22 2.96
CA LEU A 161 4.94 7.44 1.76
C LEU A 161 4.50 8.89 1.61
N VAL A 162 4.06 9.51 2.70
CA VAL A 162 3.73 10.94 2.69
C VAL A 162 4.94 11.75 2.24
N ARG A 163 6.11 11.42 2.76
CA ARG A 163 7.33 12.14 2.37
C ARG A 163 7.69 11.93 0.92
N GLU A 164 7.41 10.74 0.39
CA GLU A 164 7.60 10.48 -1.04
C GLU A 164 6.66 11.30 -1.89
N ILE A 165 5.40 11.45 -1.46
CA ILE A 165 4.44 12.30 -2.19
C ILE A 165 4.99 13.73 -2.22
N ARG A 166 5.44 14.23 -1.08
CA ARG A 166 5.99 15.61 -1.03
C ARG A 166 7.20 15.81 -1.92
N LYS A 167 7.99 14.76 -2.09
CA LYS A 167 9.17 14.83 -2.95
C LYS A 167 8.77 14.92 -4.43
N HIS A 168 7.62 14.34 -4.77
CA HIS A 168 7.14 14.27 -6.17
CA HIS A 168 7.16 14.28 -6.16
C HIS A 168 6.27 15.45 -6.59
N LYS A 169 5.66 16.17 -5.64
CA LYS A 169 4.68 17.21 -5.99
C LYS A 169 4.56 18.22 -4.87
N GLU A 170 4.07 19.42 -5.20
CA GLU A 170 3.80 20.43 -4.20
C GLU A 170 2.55 20.02 -3.43
N LYS A 171 2.61 20.09 -2.10
CA LYS A 171 1.50 19.75 -1.23
C LYS A 171 1.13 20.89 -0.29
C ACE B 1 -9.75 -14.87 -16.30
O ACE B 1 -9.68 -13.87 -17.04
CH3 ACE B 1 -10.42 -16.12 -16.77
N ARG B 2 -9.20 -14.97 -15.08
CA ARG B 2 -8.56 -13.78 -14.46
C ARG B 2 -7.12 -13.68 -14.94
N ARG B 3 -6.68 -12.46 -15.14
CA ARG B 3 -5.35 -12.17 -15.63
C ARG B 3 -4.47 -11.80 -14.46
N ARG B 4 -3.28 -12.41 -14.40
CA ARG B 4 -2.27 -12.07 -13.40
C ARG B 4 -1.90 -10.59 -13.47
N ARG B 5 -2.02 -10.02 -14.66
CA ARG B 5 -1.68 -8.61 -14.86
C ARG B 5 -2.75 -7.63 -14.35
N CYS B 6 -3.96 -8.12 -14.00
CA CYS B 6 -4.97 -7.31 -13.27
C CYS B 6 -5.17 -7.86 -11.87
N PRO B 7 -4.19 -7.66 -10.96
CA PRO B 7 -4.35 -8.20 -9.61
C PRO B 7 -5.44 -7.51 -8.82
N LEU B 8 -5.72 -6.27 -9.13
CA LEU B 8 -6.77 -5.54 -8.44
C LEU B 8 -7.75 -5.01 -9.49
N TYR B 9 -9.03 -5.40 -9.40
CA TYR B 9 -10.00 -5.01 -10.43
C TYR B 9 -10.28 -3.53 -10.42
N ILE B 10 -9.93 -2.86 -11.51
CA ILE B 10 -10.14 -1.43 -11.72
C ILE B 10 -10.92 -1.32 -13.01
N SER B 11 -12.09 -0.72 -12.95
CA SER B 11 -13.03 -0.82 -14.08
C SER B 11 -12.55 -0.11 -15.34
N TYR B 12 -11.69 0.89 -15.20
CA TYR B 12 -11.16 1.64 -16.34
C TYR B 12 -9.77 1.18 -16.82
N ASP B 13 -9.25 0.11 -16.23
CA ASP B 13 -8.01 -0.50 -16.67
C ASP B 13 -8.38 -1.46 -17.80
N PRO B 14 -7.92 -1.20 -19.04
CA PRO B 14 -8.37 -2.07 -20.15
C PRO B 14 -7.99 -3.56 -19.97
N VAL B 15 -6.88 -3.83 -19.30
CA VAL B 15 -6.45 -5.20 -18.98
C VAL B 15 -7.50 -5.93 -18.14
N CYS B 16 -8.13 -5.24 -17.20
CA CYS B 16 -9.13 -5.85 -16.31
C CYS B 16 -10.47 -6.21 -16.96
N ARG B 17 -10.79 -5.54 -18.06
CA ARG B 17 -12.11 -5.67 -18.67
C ARG B 17 -12.23 -6.87 -19.59
N ARG B 18 -11.11 -7.46 -19.94
CA ARG B 18 -11.09 -8.65 -20.77
C ARG B 18 -11.19 -9.83 -19.81
N ARG B 19 -11.68 -10.97 -20.27
CA ARG B 19 -11.52 -12.21 -19.49
C ARG B 19 -10.90 -13.23 -20.42
N ARG B 20 -9.99 -14.02 -19.87
CA ARG B 20 -9.30 -15.01 -20.69
C ARG B 20 -10.27 -16.10 -21.15
N NH2 B 21 -10.13 -16.61 -22.36
PB GDP C . -5.44 -8.50 4.22
O1B GDP C . -4.13 -8.08 3.61
O2B GDP C . -6.31 -7.35 4.68
O3B GDP C . -6.19 -9.50 3.33
O3A GDP C . -5.02 -9.31 5.52
PA GDP C . -5.39 -9.14 7.05
O1A GDP C . -5.07 -7.73 7.49
O2A GDP C . -6.75 -9.70 7.28
O5' GDP C . -4.30 -10.09 7.73
C5' GDP C . -4.26 -11.51 7.41
C4' GDP C . -3.74 -12.32 8.58
O4' GDP C . -2.39 -11.97 8.85
C3' GDP C . -4.50 -12.14 9.89
O3' GDP C . -4.51 -13.40 10.60
C2' GDP C . -3.65 -11.15 10.62
O2' GDP C . -3.74 -11.21 12.04
C1' GDP C . -2.27 -11.61 10.20
N9 GDP C . -1.28 -10.52 10.26
C8 GDP C . -1.40 -9.30 9.67
N7 GDP C . -0.31 -8.56 9.89
C5 GDP C . 0.50 -9.33 10.64
C6 GDP C . 1.79 -9.12 11.26
O6 GDP C . 2.50 -8.08 11.12
N1 GDP C . 2.29 -10.16 11.97
C2 GDP C . 1.64 -11.33 12.14
N2 GDP C . 2.26 -12.29 12.86
N3 GDP C . 0.44 -11.58 11.61
C4 GDP C . -0.14 -10.58 10.90
C1 EDO D . 8.69 -9.04 -7.79
O1 EDO D . 7.30 -9.38 -7.76
C2 EDO D . 9.46 -10.06 -8.63
O2 EDO D . 9.95 -11.15 -7.84
#